data_3H1Y
#
_entry.id   3H1Y
#
_cell.length_a   35.890
_cell.length_b   92.250
_cell.length_c   111.530
_cell.angle_alpha   90.00
_cell.angle_beta   90.00
_cell.angle_gamma   90.00
#
_symmetry.space_group_name_H-M   'P 21 21 21'
#
loop_
_entity.id
_entity.type
_entity.pdbx_description
1 polymer 'Mannose-6-phosphate isomerase'
2 non-polymer 6-O-phosphono-beta-D-fructofuranose
3 non-polymer 1,2-ETHANEDIOL
4 non-polymer 'ZINC ION'
5 water water
#
_entity_poly.entity_id   1
_entity_poly.type   'polypeptide(L)'
_entity_poly.pdbx_seq_one_letter_code
;ASMQKLINSVQNYAWGSKTALTELYGIANPQQQPMAELWMGAHPKSSSRITTANGETVSLRDAIEKNKTAMLGEAVANRF
GELPFLFKVLCAAQPLSIQVHPNKRNSEIGFAKENAAGIPMDAAERNYKDPNHKPELVFALTPFLAMNAFREFSDIVSLL
QPVAGAHSAIAHFLQVPNAERLSQLFASLLNMQGEEKSRALAVLKAALNSQQGEPWQTIRVISEYYPDDSGLFSPLLLNV
VKLNPGEAMFLFAETPHAYLQGVALEVMANSDNVLRAGLTPKYIDIPELVANVKFEPKPAGELLTAPVKSGAELDFPIPV
DDFAFSLHDLALQETSIGQHSAAILFCVEGEAVLRKDEQRLVLKPGESAFIGADESPVNASGTGRLARVYNKL
;
_entity_poly.pdbx_strand_id   A
#
loop_
_chem_comp.id
_chem_comp.type
_chem_comp.name
_chem_comp.formula
EDO non-polymer 1,2-ETHANEDIOL 'C2 H6 O2'
F6P D-saccharide, beta linking 6-O-phosphono-beta-D-fructofuranose 'C6 H13 O9 P'
ZN non-polymer 'ZINC ION' 'Zn 2'
#
# COMPACT_ATOMS: atom_id res chain seq x y z
N ALA A 1 31.31 -3.26 3.88
CA ALA A 1 30.95 -3.00 5.31
C ALA A 1 29.79 -3.89 5.73
N SER A 2 29.73 -4.17 7.02
CA SER A 2 28.70 -5.06 7.55
C SER A 2 27.32 -4.48 7.34
N MET A 3 27.19 -3.18 7.59
CA MET A 3 25.93 -2.47 7.47
C MET A 3 26.06 -1.43 6.37
N GLN A 4 25.08 -1.41 5.48
CA GLN A 4 25.14 -0.54 4.30
C GLN A 4 24.04 0.50 4.30
N LYS A 5 24.42 1.76 4.48
CA LYS A 5 23.46 2.86 4.40
C LYS A 5 22.94 2.97 2.97
N LEU A 6 21.63 3.09 2.82
CA LEU A 6 20.99 3.02 1.49
C LEU A 6 20.86 4.37 0.83
N ILE A 7 21.11 4.40 -0.46
CA ILE A 7 20.72 5.53 -1.29
C ILE A 7 19.45 5.14 -2.03
N ASN A 8 18.35 5.83 -1.74
CA ASN A 8 17.03 5.38 -2.17
C ASN A 8 16.39 6.25 -3.24
N SER A 9 15.59 5.63 -4.10
CA SER A 9 14.90 6.34 -5.16
C SER A 9 13.64 7.03 -4.69
N VAL A 10 13.44 8.27 -5.15
CA VAL A 10 12.18 8.96 -4.96
C VAL A 10 11.48 9.04 -6.29
N GLN A 11 10.30 8.42 -6.38
CA GLN A 11 9.46 8.50 -7.56
C GLN A 11 8.64 9.79 -7.52
N ASN A 12 8.87 10.69 -8.48
CA ASN A 12 8.17 11.97 -8.49
C ASN A 12 6.84 11.92 -9.22
N TYR A 13 5.99 10.95 -8.87
CA TYR A 13 4.66 10.88 -9.49
C TYR A 13 3.85 12.13 -9.15
N ALA A 14 2.98 12.54 -10.06
CA ALA A 14 2.26 13.81 -9.92
C ALA A 14 1.37 13.89 -8.68
N TRP A 15 0.94 12.76 -8.14
CA TRP A 15 0.07 12.80 -6.96
C TRP A 15 0.83 12.92 -5.66
N GLY A 16 2.17 13.01 -5.74
CA GLY A 16 3.03 13.07 -4.56
C GLY A 16 3.03 14.43 -3.88
N SER A 17 3.37 14.45 -2.60
CA SER A 17 3.48 15.71 -1.85
C SER A 17 4.79 16.42 -2.17
N LYS A 18 4.73 17.73 -2.43
CA LYS A 18 5.95 18.50 -2.69
C LYS A 18 6.73 18.77 -1.41
N THR A 19 6.14 18.46 -0.26
CA THR A 19 6.76 18.85 1.02
C THR A 19 7.00 17.72 2.03
N ALA A 20 6.18 16.67 1.97
CA ALA A 20 6.16 15.66 3.04
C ALA A 20 7.54 15.13 3.38
N LEU A 21 8.22 14.53 2.41
CA LEU A 21 9.52 13.91 2.68
C LEU A 21 10.51 14.96 3.23
N THR A 22 10.41 16.18 2.73
CA THR A 22 11.24 17.28 3.24
C THR A 22 10.89 17.67 4.68
N GLU A 23 9.62 17.93 4.95
CA GLU A 23 9.18 18.24 6.32
C GLU A 23 9.57 17.16 7.32
N LEU A 24 9.26 15.91 6.99
CA LEU A 24 9.46 14.81 7.92
C LEU A 24 10.92 14.43 8.09
N TYR A 25 11.67 14.38 6.99
CA TYR A 25 12.97 13.74 6.97
C TYR A 25 14.10 14.63 6.47
N GLY A 26 13.77 15.82 5.97
CA GLY A 26 14.80 16.76 5.50
C GLY A 26 15.40 16.31 4.19
N ILE A 27 14.63 15.57 3.40
CA ILE A 27 15.03 15.17 2.07
C ILE A 27 14.96 16.38 1.13
N ALA A 28 16.04 16.61 0.39
CA ALA A 28 16.14 17.84 -0.41
C ALA A 28 15.16 17.85 -1.58
N ASN A 29 14.46 18.97 -1.74
CA ASN A 29 13.54 19.15 -2.86
C ASN A 29 13.53 20.62 -3.35
N PRO A 30 14.69 21.14 -3.78
CA PRO A 30 14.80 22.55 -4.19
C PRO A 30 13.89 22.94 -5.36
N GLN A 31 13.65 22.00 -6.26
CA GLN A 31 12.80 22.25 -7.43
C GLN A 31 11.32 22.08 -7.08
N GLN A 32 11.04 21.62 -5.86
CA GLN A 32 9.65 21.46 -5.41
C GLN A 32 8.85 20.53 -6.33
N GLN A 33 9.47 19.41 -6.71
CA GLN A 33 8.78 18.34 -7.42
C GLN A 33 7.84 17.64 -6.46
N PRO A 34 6.74 17.07 -6.98
CA PRO A 34 5.97 16.20 -6.09
C PRO A 34 6.77 14.93 -5.84
N MET A 35 6.82 14.50 -4.58
CA MET A 35 7.61 13.34 -4.20
C MET A 35 6.62 12.29 -3.69
N ALA A 36 6.29 11.31 -4.53
CA ALA A 36 5.20 10.38 -4.22
C ALA A 36 5.63 9.13 -3.44
N GLU A 37 6.75 8.51 -3.81
CA GLU A 37 7.20 7.28 -3.16
C GLU A 37 8.72 7.27 -2.96
N LEU A 38 9.13 6.87 -1.78
CA LEU A 38 10.54 6.65 -1.55
C LEU A 38 10.72 5.14 -1.52
N TRP A 39 11.57 4.63 -2.40
CA TRP A 39 11.75 3.18 -2.54
C TRP A 39 12.97 2.65 -1.80
N MET A 40 12.76 1.63 -0.99
CA MET A 40 13.86 0.96 -0.31
C MET A 40 13.82 -0.51 -0.70
N GLY A 41 14.70 -0.93 -1.60
CA GLY A 41 14.79 -2.33 -1.98
C GLY A 41 15.64 -2.52 -3.24
N ALA A 42 15.30 -3.55 -4.01
CA ALA A 42 16.10 -3.88 -5.15
C ALA A 42 15.26 -4.09 -6.40
N HIS A 43 14.23 -3.26 -6.58
CA HIS A 43 13.39 -3.35 -7.78
C HIS A 43 14.22 -3.12 -9.05
N PRO A 44 14.00 -3.94 -10.08
CA PRO A 44 14.85 -3.82 -11.29
C PRO A 44 14.67 -2.49 -12.01
N LYS A 45 13.54 -1.81 -11.80
CA LYS A 45 13.32 -0.53 -12.47
C LYS A 45 13.97 0.64 -11.73
N SER A 46 14.30 0.43 -10.46
CA SER A 46 14.95 1.46 -9.67
C SER A 46 15.44 0.89 -8.33
N SER A 47 16.57 0.19 -8.35
CA SER A 47 17.13 -0.38 -7.15
C SER A 47 17.70 0.71 -6.25
N SER A 48 17.63 0.50 -4.93
CA SER A 48 18.43 1.29 -4.02
C SER A 48 19.90 1.04 -4.29
N ARG A 49 20.78 1.93 -3.85
CA ARG A 49 22.21 1.77 -4.06
C ARG A 49 22.98 1.80 -2.75
N ILE A 50 24.17 1.20 -2.78
CA ILE A 50 25.06 1.22 -1.64
C ILE A 50 26.43 1.68 -2.14
N THR A 51 27.29 2.09 -1.23
CA THR A 51 28.60 2.62 -1.59
C THR A 51 29.74 1.67 -1.28
N ASN A 54 33.88 -0.26 0.28
CA ASN A 54 32.87 0.81 0.18
C ASN A 54 33.47 2.21 0.18
N GLY A 55 33.83 2.69 -1.00
CA GLY A 55 33.61 1.98 -2.25
C GLY A 55 33.02 2.96 -3.26
N GLU A 56 32.70 2.46 -4.45
CA GLU A 56 31.88 3.24 -5.38
C GLU A 56 30.42 2.89 -5.15
N THR A 57 29.50 3.69 -5.69
CA THR A 57 28.08 3.33 -5.63
C THR A 57 27.73 2.17 -6.57
N VAL A 58 27.13 1.13 -6.00
CA VAL A 58 26.65 -0.02 -6.76
C VAL A 58 25.16 -0.25 -6.48
N SER A 59 24.43 -0.83 -7.44
CA SER A 59 23.03 -1.18 -7.22
C SER A 59 22.92 -2.26 -6.13
N LEU A 60 21.95 -2.14 -5.21
CA LEU A 60 21.74 -3.20 -4.23
C LEU A 60 21.35 -4.50 -4.97
N ARG A 61 20.52 -4.36 -5.99
CA ARG A 61 20.11 -5.52 -6.80
C ARG A 61 21.33 -6.24 -7.37
N ASP A 62 22.28 -5.48 -7.94
CA ASP A 62 23.51 -6.07 -8.49
C ASP A 62 24.35 -6.70 -7.40
N ALA A 63 24.42 -6.05 -6.25
CA ALA A 63 25.18 -6.59 -5.11
C ALA A 63 24.59 -7.90 -4.61
N ILE A 64 23.27 -7.97 -4.50
CA ILE A 64 22.61 -9.19 -4.05
C ILE A 64 22.83 -10.32 -5.08
N GLU A 65 22.69 -9.97 -6.35
CA GLU A 65 22.74 -10.94 -7.43
C GLU A 65 24.07 -11.68 -7.48
N LYS A 66 25.16 -10.99 -7.11
CA LYS A 66 26.47 -11.58 -7.13
C LYS A 66 26.72 -12.43 -5.89
N ASN A 67 25.87 -12.29 -4.89
CA ASN A 67 26.07 -12.99 -3.63
C ASN A 67 24.75 -13.37 -2.93
N LYS A 68 23.89 -14.12 -3.61
CA LYS A 68 22.51 -14.30 -3.11
C LYS A 68 22.39 -14.95 -1.71
N THR A 69 23.06 -16.07 -1.52
CA THR A 69 22.96 -16.79 -0.25
C THR A 69 23.52 -15.98 0.92
N ALA A 70 24.64 -15.32 0.70
CA ALA A 70 25.26 -14.54 1.77
C ALA A 70 24.41 -13.32 2.15
N MET A 71 23.79 -12.69 1.15
CA MET A 71 22.99 -11.48 1.43
C MET A 71 21.52 -11.72 1.75
N LEU A 72 20.90 -12.67 1.07
CA LEU A 72 19.49 -12.99 1.32
C LEU A 72 19.30 -14.02 2.43
N GLY A 73 20.30 -14.86 2.62
CA GLY A 73 20.20 -16.00 3.51
C GLY A 73 19.72 -17.21 2.70
N GLU A 74 19.97 -18.40 3.22
CA GLU A 74 19.59 -19.63 2.53
C GLU A 74 18.09 -19.73 2.31
N ALA A 75 17.31 -19.55 3.36
CA ALA A 75 15.85 -19.61 3.27
C ALA A 75 15.34 -18.83 2.05
N VAL A 76 15.68 -17.54 2.00
CA VAL A 76 15.18 -16.66 0.96
C VAL A 76 15.78 -16.99 -0.42
N ALA A 77 17.09 -17.26 -0.47
CA ALA A 77 17.76 -17.59 -1.72
C ALA A 77 17.11 -18.80 -2.39
N ASN A 78 16.64 -19.72 -1.57
CA ASN A 78 16.06 -20.95 -2.05
C ASN A 78 14.54 -20.85 -2.29
N ARG A 79 13.79 -20.13 -1.44
CA ARG A 79 12.35 -19.93 -1.64
C ARG A 79 12.03 -18.93 -2.74
N PHE A 80 12.79 -17.83 -2.82
CA PHE A 80 12.40 -16.72 -3.71
C PHE A 80 13.43 -16.37 -4.78
N GLY A 81 14.71 -16.63 -4.51
CA GLY A 81 15.75 -16.38 -5.52
C GLY A 81 16.08 -14.91 -5.71
N GLU A 82 15.53 -14.06 -4.84
CA GLU A 82 15.78 -12.62 -4.90
C GLU A 82 15.21 -11.94 -3.65
N LEU A 83 15.48 -10.64 -3.49
CA LEU A 83 14.88 -9.89 -2.38
C LEU A 83 13.37 -9.91 -2.58
N PRO A 84 12.63 -10.53 -1.64
CA PRO A 84 11.20 -10.79 -1.88
C PRO A 84 10.27 -9.66 -1.49
N PHE A 85 10.82 -8.49 -1.13
CA PHE A 85 9.96 -7.37 -0.73
C PHE A 85 10.46 -6.04 -1.24
N LEU A 86 9.50 -5.12 -1.43
CA LEU A 86 9.82 -3.72 -1.69
C LEU A 86 9.18 -2.88 -0.58
N PHE A 87 9.97 -1.96 -0.01
CA PHE A 87 9.61 -1.20 1.18
C PHE A 87 9.52 0.27 0.77
N LYS A 88 8.34 0.89 0.94
CA LYS A 88 8.12 2.26 0.48
C LYS A 88 7.66 3.20 1.56
N VAL A 89 8.06 4.46 1.40
CA VAL A 89 7.33 5.54 2.04
C VAL A 89 6.38 6.12 0.95
N LEU A 90 5.10 6.18 1.25
CA LEU A 90 4.09 6.74 0.35
C LEU A 90 3.64 8.12 0.82
N CYS A 91 3.61 9.09 -0.08
CA CYS A 91 3.14 10.45 0.28
C CYS A 91 1.99 10.83 -0.62
N ALA A 92 0.76 10.54 -0.19
CA ALA A 92 -0.41 10.81 -1.02
C ALA A 92 -0.97 12.22 -0.78
N ALA A 93 -0.68 13.12 -1.72
CA ALA A 93 -1.15 14.50 -1.62
C ALA A 93 -2.50 14.66 -2.32
N GLN A 94 -2.83 13.67 -3.15
CA GLN A 94 -4.10 13.60 -3.86
C GLN A 94 -4.63 12.18 -3.66
N PRO A 95 -5.95 12.01 -3.77
CA PRO A 95 -6.58 10.68 -3.64
C PRO A 95 -6.22 9.82 -4.81
N LEU A 96 -5.92 8.55 -4.54
CA LEU A 96 -5.46 7.65 -5.59
C LEU A 96 -6.55 6.67 -6.01
N SER A 97 -6.27 5.88 -7.05
CA SER A 97 -7.28 5.01 -7.65
CA SER A 97 -7.29 5.02 -7.65
C SER A 97 -7.72 3.91 -6.70
N ILE A 98 -8.96 3.45 -6.88
CA ILE A 98 -9.45 2.29 -6.13
C ILE A 98 -8.89 1.05 -6.80
N GLN A 99 -8.28 0.17 -6.03
CA GLN A 99 -7.62 -0.99 -6.59
C GLN A 99 -8.09 -2.30 -5.99
N VAL A 100 -7.96 -3.35 -6.79
CA VAL A 100 -8.27 -4.69 -6.39
C VAL A 100 -7.12 -5.55 -6.86
N HIS A 101 -6.58 -6.36 -5.95
CA HIS A 101 -5.55 -7.33 -6.27
C HIS A 101 -6.15 -8.74 -6.33
N PRO A 102 -6.11 -9.37 -7.52
CA PRO A 102 -6.73 -10.68 -7.70
C PRO A 102 -6.11 -11.76 -6.81
N ASN A 103 -6.86 -12.82 -6.56
CA ASN A 103 -6.35 -13.94 -5.78
C ASN A 103 -5.32 -14.76 -6.55
N LYS A 104 -4.77 -15.78 -5.90
CA LYS A 104 -3.71 -16.57 -6.48
C LYS A 104 -4.10 -17.19 -7.83
N ARG A 105 -5.25 -17.88 -7.85
CA ARG A 105 -5.71 -18.54 -9.08
C ARG A 105 -5.88 -17.57 -10.23
N ASN A 106 -6.54 -16.45 -9.99
CA ASN A 106 -6.85 -15.49 -11.06
C ASN A 106 -5.64 -14.68 -11.49
N SER A 107 -4.68 -14.55 -10.58
CA SER A 107 -3.40 -13.92 -10.93
C SER A 107 -2.63 -14.79 -11.91
N GLU A 108 -2.65 -16.11 -11.69
CA GLU A 108 -1.99 -17.04 -12.61
C GLU A 108 -2.60 -16.91 -14.01
N ILE A 109 -3.92 -16.84 -14.07
CA ILE A 109 -4.63 -16.73 -15.35
C ILE A 109 -4.36 -15.40 -16.07
N GLY A 110 -4.54 -14.28 -15.38
CA GLY A 110 -4.31 -12.97 -16.01
C GLY A 110 -2.85 -12.79 -16.42
N PHE A 111 -1.94 -13.25 -15.57
CA PHE A 111 -0.49 -13.19 -15.89
C PHE A 111 -0.26 -13.92 -17.24
N ALA A 112 -0.83 -15.11 -17.35
CA ALA A 112 -0.71 -15.95 -18.56
C ALA A 112 -1.42 -15.34 -19.77
N LYS A 113 -2.58 -14.73 -19.52
CA LYS A 113 -3.30 -14.02 -20.59
C LYS A 113 -2.45 -12.92 -21.17
N GLU A 114 -1.89 -12.08 -20.30
CA GLU A 114 -1.11 -10.94 -20.77
C GLU A 114 0.19 -11.39 -21.43
N ASN A 115 0.77 -12.46 -20.87
CA ASN A 115 1.99 -13.04 -21.43
C ASN A 115 1.73 -13.56 -22.85
N ALA A 116 0.68 -14.36 -22.99
CA ALA A 116 0.30 -14.91 -24.30
C ALA A 116 -0.03 -13.82 -25.31
N ALA A 117 -0.54 -12.69 -24.83
CA ALA A 117 -0.87 -11.57 -25.71
C ALA A 117 0.39 -10.80 -26.08
N GLY A 118 1.51 -11.17 -25.47
CA GLY A 118 2.79 -10.51 -25.74
C GLY A 118 2.85 -9.07 -25.23
N ILE A 119 2.16 -8.79 -24.13
CA ILE A 119 2.23 -7.44 -23.52
C ILE A 119 3.49 -7.25 -22.69
N PRO A 120 4.34 -6.29 -23.09
CA PRO A 120 5.57 -6.10 -22.34
C PRO A 120 5.25 -5.98 -20.86
N MET A 121 6.13 -6.51 -20.01
CA MET A 121 5.91 -6.55 -18.56
C MET A 121 5.83 -5.13 -17.96
N ASP A 122 6.47 -4.17 -18.61
CA ASP A 122 6.46 -2.80 -18.11
C ASP A 122 5.73 -1.87 -19.07
N ALA A 123 4.70 -2.38 -19.72
CA ALA A 123 3.78 -1.54 -20.50
C ALA A 123 2.63 -1.06 -19.60
N ALA A 124 2.07 0.10 -19.92
CA ALA A 124 0.99 0.67 -19.11
C ALA A 124 -0.28 -0.16 -19.18
N GLU A 125 -0.40 -0.97 -20.23
CA GLU A 125 -1.54 -1.86 -20.41
C GLU A 125 -1.44 -3.07 -19.48
N ARG A 126 -0.26 -3.27 -18.89
CA ARG A 126 0.00 -4.49 -18.13
C ARG A 126 -0.62 -4.45 -16.72
N ASN A 127 -1.61 -5.31 -16.46
CA ASN A 127 -2.26 -5.36 -15.14
C ASN A 127 -1.72 -6.44 -14.21
N TYR A 128 -1.32 -7.57 -14.80
CA TYR A 128 -0.80 -8.69 -14.06
C TYR A 128 0.72 -8.82 -14.26
N LYS A 129 1.50 -8.66 -13.20
CA LYS A 129 2.96 -8.83 -13.28
C LYS A 129 3.48 -9.97 -12.41
N ASP A 130 2.58 -10.75 -11.83
CA ASP A 130 2.97 -11.90 -11.02
C ASP A 130 1.92 -12.99 -11.01
N PRO A 131 2.33 -14.25 -11.23
CA PRO A 131 1.37 -15.35 -11.30
C PRO A 131 0.87 -15.73 -9.91
N ASN A 132 1.05 -14.83 -8.95
CA ASN A 132 0.72 -15.14 -7.57
C ASN A 132 0.04 -13.96 -6.90
N HIS A 133 -0.67 -14.22 -5.80
CA HIS A 133 -1.12 -13.14 -4.95
C HIS A 133 -0.22 -13.07 -3.76
N LYS A 134 0.21 -11.85 -3.44
CA LYS A 134 0.93 -11.56 -2.18
C LYS A 134 0.34 -10.41 -1.38
N PRO A 135 0.54 -10.48 -0.10
CA PRO A 135 0.21 -9.55 0.93
C PRO A 135 0.65 -8.16 0.59
N GLU A 136 -0.09 -7.17 1.08
CA GLU A 136 0.37 -5.78 1.11
C GLU A 136 -0.01 -5.17 2.45
N LEU A 137 0.96 -4.53 3.09
CA LEU A 137 0.76 -3.94 4.39
C LEU A 137 0.97 -2.43 4.30
N VAL A 138 0.01 -1.67 4.81
CA VAL A 138 0.21 -0.23 4.94
C VAL A 138 0.26 0.19 6.41
N PHE A 139 1.23 1.03 6.76
CA PHE A 139 1.47 1.46 8.13
C PHE A 139 1.55 2.99 8.20
N ALA A 140 0.62 3.61 8.93
CA ALA A 140 0.53 5.09 8.95
C ALA A 140 1.71 5.78 9.64
N LEU A 141 2.27 6.80 8.97
CA LEU A 141 3.30 7.65 9.55
C LEU A 141 2.69 8.97 10.01
N THR A 142 1.78 9.51 9.20
CA THR A 142 0.93 10.63 9.62
C THR A 142 -0.52 10.11 9.55
N PRO A 143 -1.49 10.91 10.01
CA PRO A 143 -2.87 10.44 9.88
C PRO A 143 -3.14 10.08 8.42
N PHE A 144 -3.70 8.89 8.20
CA PHE A 144 -3.79 8.33 6.85
C PHE A 144 -5.24 8.00 6.50
N LEU A 145 -5.78 8.71 5.52
CA LEU A 145 -7.15 8.47 5.06
C LEU A 145 -7.15 7.42 3.95
N ALA A 146 -8.05 6.43 4.06
CA ALA A 146 -8.12 5.36 3.08
C ALA A 146 -9.51 4.76 3.03
N MET A 147 -9.75 3.95 1.98
CA MET A 147 -10.87 3.03 1.98
C MET A 147 -10.35 1.57 1.94
N ASN A 148 -11.07 0.68 2.59
CA ASN A 148 -10.69 -0.71 2.59
C ASN A 148 -11.91 -1.61 2.83
N ALA A 149 -12.24 -2.42 1.84
CA ALA A 149 -13.25 -3.46 1.96
C ALA A 149 -14.67 -2.93 2.02
N PHE A 150 -15.63 -3.79 1.70
CA PHE A 150 -17.05 -3.43 1.79
C PHE A 150 -17.53 -3.32 3.22
N ARG A 151 -18.38 -2.32 3.48
CA ARG A 151 -19.02 -2.15 4.77
C ARG A 151 -20.02 -3.27 5.03
N GLU A 152 -20.41 -3.41 6.29
CA GLU A 152 -21.50 -4.33 6.63
C GLU A 152 -22.75 -3.90 5.85
N PHE A 153 -23.52 -4.86 5.36
CA PHE A 153 -24.68 -4.56 4.48
C PHE A 153 -25.61 -3.50 5.05
N SER A 154 -25.83 -3.52 6.37
CA SER A 154 -26.76 -2.56 6.98
C SER A 154 -26.21 -1.13 7.01
N ASP A 155 -24.88 -1.02 7.07
CA ASP A 155 -24.22 0.29 7.01
C ASP A 155 -24.39 0.89 5.59
N ILE A 156 -24.25 0.03 4.58
CA ILE A 156 -24.40 0.45 3.18
C ILE A 156 -25.85 0.91 2.92
N VAL A 157 -26.82 0.15 3.43
CA VAL A 157 -28.22 0.49 3.31
C VAL A 157 -28.46 1.88 3.87
N SER A 158 -27.97 2.12 5.09
CA SER A 158 -28.14 3.42 5.72
CA SER A 158 -28.12 3.42 5.73
C SER A 158 -27.51 4.53 4.90
N LEU A 159 -26.34 4.26 4.31
CA LEU A 159 -25.62 5.30 3.55
C LEU A 159 -26.21 5.60 2.17
N LEU A 160 -26.86 4.62 1.58
CA LEU A 160 -27.42 4.76 0.23
C LEU A 160 -28.84 5.37 0.23
N GLN A 161 -29.47 5.42 1.39
CA GLN A 161 -30.86 5.88 1.47
C GLN A 161 -31.04 7.29 0.90
N PRO A 162 -30.16 8.21 1.31
CA PRO A 162 -30.21 9.59 0.86
C PRO A 162 -29.99 9.74 -0.66
N VAL A 163 -29.47 8.69 -1.31
CA VAL A 163 -29.24 8.74 -2.75
C VAL A 163 -29.93 7.59 -3.47
N ALA A 164 -31.02 7.10 -2.87
CA ALA A 164 -31.78 6.00 -3.43
C ALA A 164 -32.22 6.24 -4.88
N GLY A 165 -32.50 7.49 -5.22
CA GLY A 165 -33.01 7.82 -6.55
C GLY A 165 -31.95 8.06 -7.61
N ALA A 166 -30.67 7.95 -7.25
CA ALA A 166 -29.57 8.17 -8.18
C ALA A 166 -29.52 7.14 -9.32
N HIS A 167 -29.88 5.90 -9.01
CA HIS A 167 -29.80 4.83 -10.00
C HIS A 167 -30.67 3.65 -9.57
N SER A 168 -31.31 2.99 -10.54
CA SER A 168 -32.18 1.86 -10.20
C SER A 168 -31.40 0.75 -9.50
N ALA A 169 -30.12 0.61 -9.84
CA ALA A 169 -29.28 -0.40 -9.20
C ALA A 169 -29.22 -0.19 -7.68
N ILE A 170 -29.25 1.07 -7.26
CA ILE A 170 -29.25 1.40 -5.83
C ILE A 170 -30.58 1.02 -5.17
N ALA A 171 -31.68 1.31 -5.86
CA ALA A 171 -33.01 0.92 -5.37
C ALA A 171 -33.07 -0.60 -5.27
N HIS A 172 -32.54 -1.27 -6.30
CA HIS A 172 -32.51 -2.71 -6.40
C HIS A 172 -31.79 -3.34 -5.21
N PHE A 173 -30.68 -2.75 -4.80
CA PHE A 173 -29.91 -3.26 -3.68
C PHE A 173 -30.64 -3.04 -2.35
N LEU A 174 -31.15 -1.85 -2.14
CA LEU A 174 -31.89 -1.54 -0.92
C LEU A 174 -33.05 -2.52 -0.71
N GLN A 175 -33.66 -2.97 -1.79
CA GLN A 175 -34.80 -3.89 -1.71
C GLN A 175 -34.36 -5.23 -1.14
N VAL A 176 -33.19 -5.72 -1.59
CA VAL A 176 -32.62 -6.94 -1.01
C VAL A 176 -31.09 -6.78 -0.89
N PRO A 177 -30.63 -6.30 0.27
CA PRO A 177 -29.22 -5.98 0.50
C PRO A 177 -28.37 -7.23 0.71
N ASN A 178 -27.93 -7.85 -0.37
CA ASN A 178 -27.12 -9.05 -0.29
C ASN A 178 -25.90 -8.93 -1.22
N ALA A 179 -25.10 -10.00 -1.30
CA ALA A 179 -23.87 -9.96 -2.07
C ALA A 179 -24.13 -9.85 -3.56
N GLU A 180 -25.12 -10.58 -4.05
CA GLU A 180 -25.41 -10.62 -5.47
C GLU A 180 -25.79 -9.24 -5.97
N ARG A 181 -26.68 -8.57 -5.23
CA ARG A 181 -27.17 -7.24 -5.63
C ARG A 181 -26.10 -6.17 -5.36
N LEU A 182 -25.25 -6.40 -4.36
CA LEU A 182 -24.12 -5.51 -4.11
C LEU A 182 -23.21 -5.58 -5.33
N SER A 183 -23.01 -6.81 -5.83
CA SER A 183 -22.18 -7.06 -6.99
C SER A 183 -22.78 -6.34 -8.22
N GLN A 184 -24.08 -6.51 -8.41
CA GLN A 184 -24.80 -5.83 -9.46
C GLN A 184 -24.73 -4.28 -9.30
N LEU A 185 -24.85 -3.80 -8.07
CA LEU A 185 -24.77 -2.35 -7.82
C LEU A 185 -23.38 -1.79 -8.21
N PHE A 186 -22.34 -2.51 -7.80
CA PHE A 186 -20.95 -2.11 -8.04
C PHE A 186 -20.65 -2.01 -9.55
N ALA A 187 -21.05 -3.05 -10.29
CA ALA A 187 -20.89 -3.08 -11.74
C ALA A 187 -21.74 -2.00 -12.43
N SER A 188 -22.97 -1.82 -11.97
CA SER A 188 -23.86 -0.79 -12.58
C SER A 188 -23.31 0.62 -12.43
N LEU A 189 -22.85 0.95 -11.23
CA LEU A 189 -22.27 2.30 -10.98
C LEU A 189 -21.07 2.55 -11.90
N LEU A 190 -20.15 1.61 -11.95
CA LEU A 190 -18.95 1.74 -12.77
C LEU A 190 -19.28 1.87 -14.26
N ASN A 191 -20.38 1.24 -14.68
CA ASN A 191 -20.75 1.25 -16.09
C ASN A 191 -21.67 2.41 -16.50
N MET A 192 -22.01 3.30 -15.56
CA MET A 192 -22.91 4.41 -15.91
C MET A 192 -22.31 5.24 -17.03
N GLN A 193 -23.16 5.65 -17.97
CA GLN A 193 -22.72 6.41 -19.14
C GLN A 193 -23.61 7.63 -19.36
N GLY A 194 -22.98 8.69 -19.86
CA GLY A 194 -23.70 9.88 -20.31
C GLY A 194 -24.65 10.42 -19.28
N GLU A 195 -25.91 10.62 -19.70
CA GLU A 195 -26.90 11.26 -18.85
C GLU A 195 -27.30 10.41 -17.66
N GLU A 196 -27.27 9.09 -17.83
CA GLU A 196 -27.46 8.16 -16.70
C GLU A 196 -26.44 8.45 -15.60
N LYS A 197 -25.18 8.62 -16.01
CA LYS A 197 -24.09 8.91 -15.06
C LYS A 197 -24.23 10.27 -14.42
N SER A 198 -24.48 11.29 -15.25
CA SER A 198 -24.57 12.66 -14.78
C SER A 198 -25.79 12.86 -13.88
N ARG A 199 -26.86 12.13 -14.15
CA ARG A 199 -28.04 12.15 -13.30
C ARG A 199 -27.74 11.58 -11.90
N ALA A 200 -27.03 10.46 -11.87
CA ALA A 200 -26.65 9.83 -10.62
C ALA A 200 -25.74 10.72 -9.80
N LEU A 201 -24.81 11.36 -10.48
CA LEU A 201 -23.86 12.25 -9.82
C LEU A 201 -24.52 13.52 -9.30
N ALA A 202 -25.56 13.97 -10.01
CA ALA A 202 -26.34 15.11 -9.57
C ALA A 202 -27.09 14.80 -8.28
N VAL A 203 -27.64 13.59 -8.19
CA VAL A 203 -28.32 13.17 -6.98
C VAL A 203 -27.30 13.12 -5.82
N LEU A 204 -26.13 12.55 -6.07
CA LEU A 204 -25.08 12.44 -5.03
C LEU A 204 -24.62 13.83 -4.57
N LYS A 205 -24.46 14.74 -5.51
CA LYS A 205 -24.03 16.11 -5.19
C LYS A 205 -25.04 16.84 -4.31
N ALA A 206 -26.33 16.65 -4.60
CA ALA A 206 -27.37 17.26 -3.78
C ALA A 206 -27.26 16.73 -2.35
N ALA A 207 -27.05 15.41 -2.22
CA ALA A 207 -26.83 14.79 -0.91
C ALA A 207 -25.64 15.41 -0.16
N LEU A 208 -24.55 15.64 -0.87
CA LEU A 208 -23.38 16.29 -0.27
C LEU A 208 -23.73 17.62 0.36
N ASN A 209 -24.89 18.17 0.00
CA ASN A 209 -25.33 19.46 0.55
C ASN A 209 -26.27 19.30 1.72
N SER A 210 -26.78 18.10 1.95
CA SER A 210 -27.71 17.87 3.05
C SER A 210 -27.27 16.76 3.97
N GLN A 211 -26.04 16.30 3.79
CA GLN A 211 -25.48 15.29 4.69
C GLN A 211 -24.23 15.86 5.37
N GLN A 212 -23.98 15.44 6.61
CA GLN A 212 -22.84 15.94 7.36
C GLN A 212 -21.93 14.81 7.80
N GLY A 213 -20.65 15.13 7.95
CA GLY A 213 -19.73 14.19 8.56
C GLY A 213 -19.34 13.12 7.55
N GLU A 214 -18.68 12.08 8.04
CA GLU A 214 -18.21 10.99 7.18
C GLU A 214 -19.34 10.02 6.90
N PRO A 215 -19.33 9.41 5.70
CA PRO A 215 -18.27 9.53 4.71
C PRO A 215 -18.51 10.65 3.70
N TRP A 216 -19.56 11.46 3.90
CA TRP A 216 -19.90 12.57 2.96
C TRP A 216 -18.76 13.54 2.74
N GLN A 217 -18.00 13.82 3.82
CA GLN A 217 -16.86 14.70 3.78
C GLN A 217 -15.75 14.16 2.88
N THR A 218 -15.47 12.86 2.99
CA THR A 218 -14.52 12.22 2.10
C THR A 218 -14.96 12.33 0.65
N ILE A 219 -16.24 12.08 0.38
CA ILE A 219 -16.75 12.21 -0.98
C ILE A 219 -16.50 13.62 -1.50
N ARG A 220 -16.74 14.62 -0.66
CA ARG A 220 -16.49 16.01 -1.05
C ARG A 220 -15.00 16.23 -1.37
N VAL A 221 -14.13 15.74 -0.50
CA VAL A 221 -12.68 15.87 -0.76
C VAL A 221 -12.32 15.21 -2.09
N ILE A 222 -12.74 13.95 -2.26
CA ILE A 222 -12.44 13.22 -3.51
C ILE A 222 -12.99 13.93 -4.76
N SER A 223 -14.18 14.51 -4.64
CA SER A 223 -14.85 15.10 -5.79
C SER A 223 -14.05 16.27 -6.38
N GLU A 224 -13.15 16.85 -5.61
CA GLU A 224 -12.35 17.98 -6.09
C GLU A 224 -11.35 17.52 -7.13
N TYR A 225 -10.98 16.24 -7.06
CA TYR A 225 -10.02 15.64 -7.98
C TYR A 225 -10.70 14.75 -9.01
N TYR A 226 -11.85 14.19 -8.66
CA TYR A 226 -12.53 13.26 -9.54
C TYR A 226 -14.03 13.62 -9.63
N PRO A 227 -14.34 14.82 -10.14
CA PRO A 227 -15.69 15.34 -10.13
C PRO A 227 -16.65 14.57 -11.04
N ASP A 228 -16.11 13.81 -11.98
CA ASP A 228 -16.94 13.12 -12.97
CA ASP A 228 -16.92 13.13 -12.98
C ASP A 228 -16.76 11.61 -12.88
N ASP A 229 -16.45 11.12 -11.68
CA ASP A 229 -16.09 9.72 -11.52
C ASP A 229 -17.15 8.95 -10.75
N SER A 230 -17.55 7.81 -11.29
CA SER A 230 -18.56 6.98 -10.62
C SER A 230 -18.03 6.44 -9.30
N GLY A 231 -16.72 6.57 -9.09
CA GLY A 231 -16.09 6.16 -7.84
C GLY A 231 -16.44 7.10 -6.69
N LEU A 232 -17.14 8.19 -6.97
CA LEU A 232 -17.56 9.09 -5.91
C LEU A 232 -18.57 8.41 -4.96
N PHE A 233 -19.25 7.38 -5.47
CA PHE A 233 -20.19 6.61 -4.68
C PHE A 233 -19.50 5.61 -3.73
N SER A 234 -18.22 5.36 -3.97
CA SER A 234 -17.52 4.26 -3.30
C SER A 234 -17.43 4.36 -1.77
N PRO A 235 -17.27 5.56 -1.22
CA PRO A 235 -17.21 5.65 0.25
C PRO A 235 -18.54 5.27 0.92
N LEU A 236 -19.60 5.12 0.13
CA LEU A 236 -20.87 4.65 0.65
C LEU A 236 -20.90 3.13 0.69
N LEU A 237 -20.05 2.51 -0.12
CA LEU A 237 -19.97 1.05 -0.17
C LEU A 237 -18.79 0.49 0.62
N LEU A 238 -17.68 1.24 0.65
CA LEU A 238 -16.45 0.79 1.29
C LEU A 238 -16.17 1.51 2.61
N ASN A 239 -15.55 0.81 3.54
CA ASN A 239 -15.13 1.42 4.80
C ASN A 239 -14.15 2.56 4.57
N VAL A 240 -14.52 3.75 5.03
CA VAL A 240 -13.56 4.84 5.09
C VAL A 240 -12.83 4.76 6.43
N VAL A 241 -11.51 4.71 6.38
CA VAL A 241 -10.70 4.58 7.59
C VAL A 241 -9.73 5.74 7.69
N LYS A 242 -9.58 6.26 8.90
CA LYS A 242 -8.56 7.23 9.20
C LYS A 242 -7.59 6.58 10.16
N LEU A 243 -6.46 6.08 9.63
CA LEU A 243 -5.41 5.51 10.47
C LEU A 243 -4.64 6.54 11.31
N ASN A 244 -4.58 6.33 12.61
CA ASN A 244 -3.64 7.11 13.44
C ASN A 244 -2.23 6.61 13.18
N PRO A 245 -1.23 7.48 13.34
CA PRO A 245 0.16 7.05 13.19
C PRO A 245 0.48 5.82 14.02
N GLY A 246 1.13 4.82 13.43
CA GLY A 246 1.46 3.59 14.14
C GLY A 246 0.43 2.48 13.97
N GLU A 247 -0.73 2.81 13.41
CA GLU A 247 -1.74 1.79 13.03
C GLU A 247 -1.49 1.28 11.61
N ALA A 248 -1.88 0.03 11.36
CA ALA A 248 -1.63 -0.61 10.08
C ALA A 248 -2.81 -1.44 9.60
N MET A 249 -2.87 -1.67 8.28
CA MET A 249 -3.85 -2.51 7.68
C MET A 249 -3.22 -3.44 6.67
N PHE A 250 -3.75 -4.65 6.62
CA PHE A 250 -3.36 -5.63 5.64
C PHE A 250 -4.37 -5.51 4.50
N LEU A 251 -3.92 -5.55 3.25
CA LEU A 251 -4.82 -5.34 2.11
C LEU A 251 -5.04 -6.68 1.41
N PHE A 252 -6.18 -7.31 1.69
CA PHE A 252 -6.45 -8.66 1.23
C PHE A 252 -6.76 -8.74 -0.25
N ALA A 253 -6.64 -9.92 -0.83
CA ALA A 253 -6.99 -10.15 -2.22
C ALA A 253 -8.46 -9.84 -2.46
N GLU A 254 -8.82 -9.52 -3.71
CA GLU A 254 -10.22 -9.45 -4.13
C GLU A 254 -11.02 -8.41 -3.32
N THR A 255 -10.33 -7.37 -2.86
CA THR A 255 -10.92 -6.42 -1.94
C THR A 255 -10.56 -4.98 -2.32
N PRO A 256 -11.59 -4.21 -2.71
CA PRO A 256 -11.38 -2.84 -3.11
C PRO A 256 -10.78 -2.01 -1.97
N HIS A 257 -9.76 -1.23 -2.30
CA HIS A 257 -9.13 -0.33 -1.33
C HIS A 257 -8.55 0.88 -2.06
N ALA A 258 -8.38 1.99 -1.32
CA ALA A 258 -7.79 3.18 -1.93
C ALA A 258 -7.09 4.03 -0.88
N TYR A 259 -5.94 4.60 -1.24
CA TYR A 259 -5.26 5.55 -0.36
C TYR A 259 -5.69 6.96 -0.74
N LEU A 260 -6.19 7.72 0.23
CA LEU A 260 -6.81 9.01 -0.09
C LEU A 260 -5.98 10.23 0.33
N GLN A 261 -5.26 10.10 1.44
CA GLN A 261 -4.42 11.20 1.93
C GLN A 261 -3.51 10.73 3.06
N GLY A 262 -2.29 11.24 3.06
CA GLY A 262 -1.40 11.04 4.20
C GLY A 262 -0.07 10.40 3.81
N VAL A 263 0.75 10.12 4.82
CA VAL A 263 2.05 9.49 4.61
C VAL A 263 2.05 8.13 5.30
N ALA A 264 2.54 7.10 4.59
CA ALA A 264 2.54 5.77 5.16
C ALA A 264 3.75 4.96 4.69
N LEU A 265 4.16 4.00 5.51
CA LEU A 265 5.05 2.96 5.03
C LEU A 265 4.20 1.89 4.35
N GLU A 266 4.72 1.31 3.28
CA GLU A 266 4.06 0.23 2.61
C GLU A 266 5.06 -0.88 2.37
N VAL A 267 4.63 -2.11 2.67
CA VAL A 267 5.45 -3.25 2.37
C VAL A 267 4.72 -4.14 1.37
N MET A 268 5.42 -4.53 0.32
CA MET A 268 4.79 -5.30 -0.75
C MET A 268 5.82 -6.17 -1.47
N ALA A 269 5.37 -6.91 -2.48
CA ALA A 269 6.28 -7.60 -3.39
C ALA A 269 6.75 -6.63 -4.47
N ASN A 270 7.76 -7.01 -5.22
CA ASN A 270 8.29 -6.14 -6.25
C ASN A 270 7.29 -6.05 -7.41
N SER A 271 6.54 -7.13 -7.60
CA SER A 271 5.74 -7.31 -8.80
C SER A 271 4.29 -7.53 -8.37
N ASP A 272 3.39 -6.66 -8.80
CA ASP A 272 2.04 -6.95 -8.39
C ASP A 272 1.00 -6.91 -9.49
N ASN A 273 -0.22 -7.26 -9.11
CA ASN A 273 -1.33 -7.25 -10.04
C ASN A 273 -2.38 -6.24 -9.57
N VAL A 274 -2.85 -5.42 -10.48
CA VAL A 274 -3.76 -4.35 -10.12
C VAL A 274 -4.89 -4.26 -11.15
N LEU A 275 -6.12 -4.38 -10.64
CA LEU A 275 -7.30 -4.03 -11.40
C LEU A 275 -7.87 -2.76 -10.77
N ARG A 276 -8.36 -1.84 -11.59
CA ARG A 276 -8.88 -0.57 -11.09
C ARG A 276 -10.41 -0.63 -10.94
N ALA A 277 -10.93 0.07 -9.94
CA ALA A 277 -12.36 0.01 -9.62
C ALA A 277 -12.97 1.40 -9.40
N GLY A 278 -12.32 2.42 -9.94
CA GLY A 278 -12.84 3.78 -9.85
C GLY A 278 -11.75 4.77 -9.46
N LEU A 279 -12.12 6.04 -9.48
CA LEU A 279 -11.17 7.12 -9.20
C LEU A 279 -9.98 7.00 -10.16
N THR A 280 -10.29 6.95 -11.47
CA THR A 280 -9.27 6.82 -12.51
C THR A 280 -9.87 7.28 -13.82
N PRO A 281 -9.06 7.89 -14.69
CA PRO A 281 -9.52 8.20 -16.04
C PRO A 281 -9.29 7.04 -17.00
N LYS A 282 -8.66 5.97 -16.51
CA LYS A 282 -8.41 4.79 -17.35
C LYS A 282 -9.67 3.96 -17.55
N TYR A 283 -9.73 3.28 -18.68
CA TYR A 283 -10.85 2.39 -18.98
C TYR A 283 -10.77 1.15 -18.10
N ILE A 284 -11.90 0.76 -17.55
CA ILE A 284 -11.98 -0.40 -16.69
C ILE A 284 -12.78 -1.50 -17.35
N ASP A 285 -12.18 -2.69 -17.37
CA ASP A 285 -12.85 -3.89 -17.85
C ASP A 285 -13.71 -4.43 -16.73
N ILE A 286 -15.00 -4.10 -16.78
CA ILE A 286 -15.88 -4.36 -15.64
C ILE A 286 -16.13 -5.84 -15.37
N PRO A 287 -16.32 -6.63 -16.42
CA PRO A 287 -16.54 -8.06 -16.18
C PRO A 287 -15.36 -8.66 -15.43
N GLU A 288 -14.15 -8.32 -15.85
CA GLU A 288 -12.96 -8.83 -15.19
C GLU A 288 -12.83 -8.36 -13.73
N LEU A 289 -13.01 -7.06 -13.53
CA LEU A 289 -13.03 -6.51 -12.16
C LEU A 289 -14.00 -7.31 -11.28
N VAL A 290 -15.25 -7.41 -11.72
CA VAL A 290 -16.29 -8.06 -10.92
C VAL A 290 -15.95 -9.51 -10.64
N ALA A 291 -15.35 -10.18 -11.62
CA ALA A 291 -14.96 -11.58 -11.46
C ALA A 291 -13.84 -11.73 -10.42
N ASN A 292 -13.18 -10.62 -10.08
CA ASN A 292 -12.05 -10.67 -9.16
C ASN A 292 -12.29 -9.97 -7.84
N VAL A 293 -13.56 -9.72 -7.55
CA VAL A 293 -13.91 -9.04 -6.33
C VAL A 293 -14.76 -9.93 -5.46
N LYS A 294 -14.54 -9.81 -4.18
CA LYS A 294 -15.29 -10.62 -3.30
C LYS A 294 -16.26 -9.72 -2.58
N PHE A 295 -17.56 -9.91 -2.87
CA PHE A 295 -18.61 -9.00 -2.39
C PHE A 295 -19.15 -9.40 -1.00
N GLU A 296 -18.26 -9.41 -0.02
CA GLU A 296 -18.58 -9.76 1.35
C GLU A 296 -18.18 -8.63 2.24
N PRO A 297 -19.02 -8.31 3.20
CA PRO A 297 -18.65 -7.22 4.07
C PRO A 297 -17.46 -7.53 4.95
N LYS A 298 -16.74 -6.50 5.36
CA LYS A 298 -15.67 -6.63 6.33
C LYS A 298 -15.94 -5.62 7.44
N PRO A 299 -16.25 -6.11 8.64
CA PRO A 299 -16.58 -5.28 9.79
C PRO A 299 -15.41 -4.36 10.14
N ALA A 300 -15.74 -3.12 10.50
CA ALA A 300 -14.72 -2.11 10.77
C ALA A 300 -13.77 -2.54 11.89
N GLY A 301 -14.26 -3.37 12.80
CA GLY A 301 -13.44 -3.84 13.91
C GLY A 301 -12.36 -4.82 13.47
N GLU A 302 -12.42 -5.25 12.22
CA GLU A 302 -11.47 -6.24 11.70
C GLU A 302 -10.49 -5.63 10.70
N LEU A 303 -10.55 -4.30 10.52
CA LEU A 303 -9.73 -3.65 9.48
C LEU A 303 -8.24 -3.52 9.83
N LEU A 304 -7.96 -3.10 11.05
CA LEU A 304 -6.55 -2.95 11.48
C LEU A 304 -5.90 -4.28 11.78
N THR A 305 -4.65 -4.44 11.38
CA THR A 305 -3.90 -5.61 11.81
C THR A 305 -3.50 -5.39 13.26
N ALA A 306 -3.68 -6.42 14.09
CA ALA A 306 -3.33 -6.33 15.51
C ALA A 306 -1.90 -6.79 15.68
N PRO A 307 -1.01 -5.88 16.10
CA PRO A 307 0.40 -6.20 16.25
C PRO A 307 0.66 -6.94 17.58
N VAL A 308 1.88 -7.45 17.72
CA VAL A 308 2.26 -8.23 18.87
C VAL A 308 3.54 -7.67 19.46
N LYS A 309 3.46 -7.23 20.72
CA LYS A 309 4.62 -6.64 21.40
C LYS A 309 5.38 -7.69 22.21
N SER A 310 6.68 -7.81 21.96
CA SER A 310 7.57 -8.70 22.69
C SER A 310 8.88 -7.98 23.02
N GLY A 311 9.06 -7.60 24.28
CA GLY A 311 10.18 -6.74 24.66
C GLY A 311 10.06 -5.40 23.94
N ALA A 312 11.15 -4.99 23.29
CA ALA A 312 11.16 -3.72 22.56
C ALA A 312 10.59 -3.85 21.14
N GLU A 313 10.23 -5.07 20.75
CA GLU A 313 9.77 -5.35 19.38
C GLU A 313 8.26 -5.41 19.27
N LEU A 314 7.72 -4.74 18.24
CA LEU A 314 6.31 -4.80 17.92
C LEU A 314 6.18 -5.38 16.51
N ASP A 315 5.82 -6.67 16.44
CA ASP A 315 5.69 -7.36 15.19
C ASP A 315 4.28 -7.15 14.63
N PHE A 316 4.17 -7.12 13.31
CA PHE A 316 2.87 -7.03 12.64
C PHE A 316 2.68 -8.33 11.87
N PRO A 317 2.10 -9.36 12.53
CA PRO A 317 2.04 -10.69 11.93
C PRO A 317 1.37 -10.65 10.56
N ILE A 318 2.00 -11.28 9.58
CA ILE A 318 1.53 -11.30 8.19
C ILE A 318 1.36 -12.74 7.74
N PRO A 319 0.16 -13.10 7.24
CA PRO A 319 -0.14 -14.47 6.82
C PRO A 319 0.61 -14.91 5.56
N VAL A 320 1.85 -14.46 5.43
CA VAL A 320 2.62 -14.72 4.22
C VAL A 320 4.08 -14.90 4.54
N ASP A 321 4.74 -15.73 3.74
CA ASP A 321 6.15 -16.03 3.92
C ASP A 321 7.01 -14.94 3.32
N ASP A 322 6.46 -14.13 2.41
CA ASP A 322 7.30 -13.22 1.58
C ASP A 322 8.00 -12.12 2.36
N PHE A 323 7.33 -11.58 3.36
CA PHE A 323 7.98 -10.57 4.17
C PHE A 323 7.35 -10.46 5.55
N ALA A 324 8.10 -9.86 6.45
CA ALA A 324 7.66 -9.59 7.79
C ALA A 324 7.98 -8.14 8.11
N PHE A 325 7.25 -7.58 9.07
CA PHE A 325 7.38 -6.15 9.40
C PHE A 325 7.28 -5.93 10.91
N SER A 326 8.29 -5.31 11.50
CA SER A 326 8.27 -4.98 12.94
C SER A 326 8.82 -3.58 13.26
N LEU A 327 8.36 -3.02 14.37
CA LEU A 327 8.88 -1.76 14.87
C LEU A 327 9.68 -2.03 16.13
N HIS A 328 10.79 -1.31 16.28
CA HIS A 328 11.68 -1.52 17.40
C HIS A 328 11.90 -0.21 18.16
N ASP A 329 11.50 -0.19 19.42
CA ASP A 329 11.69 0.98 20.28
C ASP A 329 13.15 1.03 20.70
N LEU A 330 13.79 2.14 20.41
CA LEU A 330 15.20 2.28 20.72
C LEU A 330 15.38 2.84 22.13
N ALA A 331 16.42 2.37 22.79
CA ALA A 331 16.83 2.91 24.09
C ALA A 331 18.32 3.20 24.04
N LEU A 332 18.82 3.92 25.05
CA LEU A 332 20.21 4.30 25.08
C LEU A 332 21.07 3.08 25.35
N GLN A 333 20.47 2.06 25.94
CA GLN A 333 21.11 0.76 26.09
C GLN A 333 20.82 -0.05 24.81
N GLU A 334 21.86 -0.66 24.26
CA GLU A 334 21.75 -1.42 23.01
C GLU A 334 20.80 -2.60 23.12
N THR A 335 20.06 -2.83 22.05
CA THR A 335 19.30 -4.06 21.90
C THR A 335 19.76 -4.75 20.61
N SER A 336 19.65 -6.08 20.60
CA SER A 336 20.03 -6.87 19.47
C SER A 336 18.87 -6.99 18.47
N ILE A 337 19.13 -6.65 17.23
CA ILE A 337 18.14 -6.86 16.16
C ILE A 337 18.69 -7.90 15.19
N GLY A 338 18.13 -9.12 15.26
CA GLY A 338 18.62 -10.22 14.44
C GLY A 338 17.54 -10.91 13.62
N GLN A 339 17.95 -11.49 12.51
CA GLN A 339 17.03 -12.20 11.62
C GLN A 339 17.84 -13.17 10.77
N HIS A 340 17.18 -14.17 10.19
CA HIS A 340 17.84 -15.13 9.33
C HIS A 340 17.82 -14.75 7.85
N SER A 341 17.55 -13.48 7.57
CA SER A 341 17.43 -13.04 6.18
C SER A 341 18.08 -11.68 6.04
N ALA A 342 18.04 -11.13 4.83
CA ALA A 342 18.34 -9.74 4.63
C ALA A 342 17.30 -8.92 5.38
N ALA A 343 17.69 -7.74 5.79
CA ALA A 343 16.76 -6.80 6.41
C ALA A 343 17.01 -5.39 5.92
N ILE A 344 15.96 -4.58 5.91
CA ILE A 344 16.08 -3.14 5.76
C ILE A 344 15.60 -2.47 7.04
N LEU A 345 16.43 -1.63 7.62
CA LEU A 345 16.08 -0.88 8.83
C LEU A 345 15.88 0.59 8.45
N PHE A 346 14.76 1.17 8.88
CA PHE A 346 14.38 2.52 8.52
C PHE A 346 14.09 3.28 9.82
N CYS A 347 14.70 4.46 9.98
CA CYS A 347 14.43 5.27 11.17
C CYS A 347 13.11 6.02 11.03
N VAL A 348 12.15 5.70 11.88
CA VAL A 348 10.85 6.35 11.82
C VAL A 348 10.90 7.73 12.49
N GLU A 349 11.54 7.79 13.65
CA GLU A 349 11.67 9.02 14.42
C GLU A 349 12.78 8.85 15.46
N GLY A 350 13.25 9.98 15.98
CA GLY A 350 14.35 9.96 16.94
C GLY A 350 15.66 9.90 16.19
N GLU A 351 16.54 9.00 16.60
CA GLU A 351 17.79 8.75 15.88
C GLU A 351 18.34 7.38 16.27
N ALA A 352 18.81 6.61 15.29
CA ALA A 352 19.31 5.28 15.56
C ALA A 352 20.82 5.18 15.33
N VAL A 353 21.51 4.58 16.30
CA VAL A 353 22.87 4.17 16.07
C VAL A 353 22.91 2.65 15.91
N LEU A 354 23.36 2.19 14.74
CA LEU A 354 23.51 0.77 14.51
C LEU A 354 24.98 0.38 14.71
N ARG A 355 25.20 -0.69 15.46
CA ARG A 355 26.56 -1.17 15.70
C ARG A 355 26.74 -2.62 15.28
N LYS A 356 27.80 -2.86 14.53
CA LYS A 356 28.25 -4.21 14.23
C LYS A 356 29.74 -4.31 14.54
N ASP A 357 30.07 -4.95 15.64
CA ASP A 357 31.44 -5.03 16.12
C ASP A 357 32.02 -3.62 16.20
N GLU A 358 32.92 -3.33 15.26
CA GLU A 358 33.64 -2.06 15.23
C GLU A 358 32.91 -0.97 14.44
N GLN A 359 32.08 -1.38 13.46
CA GLN A 359 31.37 -0.41 12.62
C GLN A 359 30.16 0.21 13.32
N ARG A 360 30.03 1.54 13.24
CA ARG A 360 28.85 2.24 13.70
C ARG A 360 28.18 2.96 12.53
N LEU A 361 26.86 3.00 12.55
CA LEU A 361 26.13 3.66 11.48
C LEU A 361 24.98 4.45 12.09
N VAL A 362 24.96 5.75 11.86
CA VAL A 362 23.87 6.58 12.34
C VAL A 362 22.77 6.74 11.29
N LEU A 363 21.52 6.54 11.70
CA LEU A 363 20.37 6.81 10.85
C LEU A 363 19.50 7.87 11.48
N LYS A 364 19.37 9.00 10.80
CA LYS A 364 18.40 10.01 11.21
C LYS A 364 17.05 9.64 10.58
N PRO A 365 15.96 10.26 11.04
CA PRO A 365 14.65 9.87 10.54
C PRO A 365 14.58 9.95 9.02
N GLY A 366 13.98 8.93 8.41
CA GLY A 366 13.86 8.88 6.94
C GLY A 366 14.99 8.10 6.29
N GLU A 367 16.08 7.89 7.04
CA GLU A 367 17.22 7.14 6.54
C GLU A 367 17.11 5.64 6.84
N SER A 368 17.77 4.81 6.03
CA SER A 368 17.67 3.36 6.17
C SER A 368 18.99 2.68 5.83
N ALA A 369 19.11 1.43 6.23
CA ALA A 369 20.29 0.65 5.99
C ALA A 369 19.89 -0.76 5.59
N PHE A 370 20.71 -1.37 4.73
CA PHE A 370 20.54 -2.77 4.38
C PHE A 370 21.50 -3.63 5.20
N ILE A 371 20.99 -4.70 5.78
CA ILE A 371 21.79 -5.64 6.56
C ILE A 371 21.73 -7.00 5.87
N GLY A 372 22.87 -7.47 5.37
CA GLY A 372 22.92 -8.77 4.71
C GLY A 372 22.66 -9.86 5.72
N ALA A 373 22.11 -10.97 5.25
CA ALA A 373 21.78 -12.08 6.13
C ALA A 373 23.00 -12.53 6.97
N ASP A 374 24.20 -12.45 6.41
CA ASP A 374 25.41 -12.92 7.10
C ASP A 374 25.96 -11.93 8.11
N GLU A 375 25.37 -10.73 8.13
CA GLU A 375 25.81 -9.72 9.07
C GLU A 375 24.89 -9.61 10.30
N SER A 376 23.85 -10.41 10.37
CA SER A 376 22.99 -10.46 11.55
C SER A 376 23.72 -11.12 12.71
N PRO A 377 23.57 -10.58 13.93
CA PRO A 377 22.76 -9.43 14.27
C PRO A 377 23.51 -8.10 14.30
N VAL A 378 22.73 -7.02 14.43
CA VAL A 378 23.29 -5.72 14.74
C VAL A 378 22.68 -5.22 16.06
N ASN A 379 23.42 -4.39 16.78
CA ASN A 379 22.92 -3.79 17.99
C ASN A 379 22.43 -2.38 17.69
N ALA A 380 21.24 -2.03 18.14
CA ALA A 380 20.71 -0.69 17.91
C ALA A 380 20.47 0.05 19.24
N SER A 381 20.78 1.34 19.26
CA SER A 381 20.48 2.17 20.42
C SER A 381 20.05 3.54 19.93
N GLY A 382 19.64 4.39 20.87
CA GLY A 382 19.22 5.73 20.49
C GLY A 382 17.88 6.08 21.13
N THR A 383 17.07 6.82 20.37
CA THR A 383 15.73 7.21 20.80
C THR A 383 14.78 7.03 19.63
N GLY A 384 13.50 6.91 19.93
CA GLY A 384 12.50 6.83 18.87
C GLY A 384 12.29 5.39 18.46
N ARG A 385 12.11 5.17 17.14
CA ARG A 385 11.72 3.86 16.66
C ARG A 385 12.37 3.52 15.33
N LEU A 386 12.70 2.26 15.18
CA LEU A 386 13.27 1.75 13.96
C LEU A 386 12.28 0.79 13.33
N ALA A 387 11.97 0.97 12.04
CA ALA A 387 11.12 -0.02 11.35
C ALA A 387 11.99 -1.02 10.61
N ARG A 388 11.61 -2.28 10.66
CA ARG A 388 12.37 -3.34 10.00
C ARG A 388 11.47 -4.16 9.05
N VAL A 389 11.94 -4.34 7.82
CA VAL A 389 11.34 -5.33 6.93
C VAL A 389 12.35 -6.44 6.75
N TYR A 390 11.87 -7.68 6.80
CA TYR A 390 12.76 -8.83 6.70
C TYR A 390 11.94 -10.07 6.39
N ASN A 391 12.55 -11.22 6.56
CA ASN A 391 11.88 -12.47 6.28
C ASN A 391 12.01 -13.42 7.49
N LYS A 392 10.87 -13.91 7.99
CA LYS A 392 10.84 -14.78 9.16
C LYS A 392 11.28 -16.23 8.86
N LEU A 393 11.15 -16.67 7.63
CA LEU A 393 11.43 -18.08 7.28
C LEU A 393 12.75 -18.58 7.88
O1 F6P B . -2.46 -10.24 -6.77
C1 F6P B . -2.12 -8.86 -6.86
C2 F6P B . -1.01 -8.35 -5.93
O2 F6P B . 0.25 -8.88 -6.38
C3 F6P B . -1.25 -8.82 -4.54
O3 F6P B . -0.44 -9.94 -4.37
C4 F6P B . -0.79 -7.71 -3.61
O4 F6P B . -1.69 -7.57 -2.54
C5 F6P B . -0.85 -6.49 -4.48
O5 F6P B . -0.90 -6.94 -5.84
C6 F6P B . 0.26 -5.48 -4.16
O6 F6P B . 1.06 -6.00 -3.15
P F6P B . 2.19 -7.06 -3.55
O1P F6P B . 1.56 -8.12 -4.46
O2P F6P B . 2.78 -7.75 -2.35
O3P F6P B . 3.28 -6.38 -4.33
C1 EDO C . 26.21 -6.62 17.01
O1 EDO C . 26.44 -8.02 17.25
C2 EDO C . 27.18 -5.79 17.82
O2 EDO C . 28.50 -6.22 17.48
C1 EDO D . -15.84 5.63 -14.09
O1 EDO D . -16.22 6.97 -13.73
C2 EDO D . -15.04 5.05 -12.93
O2 EDO D . -13.65 5.41 -13.10
C1 EDO E . -3.99 1.98 -3.48
O1 EDO E . -2.61 1.57 -3.64
C2 EDO E . -4.07 3.29 -4.24
O2 EDO E . -5.22 4.03 -3.85
C1 EDO F . -18.57 2.38 -7.47
O1 EDO F . -18.70 3.65 -6.84
C2 EDO F . -17.16 1.86 -7.28
O2 EDO F . -16.23 2.81 -7.82
C1 EDO G . 16.64 11.48 -1.93
O1 EDO G . 17.16 10.78 -0.81
C2 EDO G . 17.10 10.79 -3.20
O2 EDO G . 17.93 9.68 -2.83
C1 EDO H . 16.77 9.71 3.06
O1 EDO H . 18.10 9.95 2.61
C2 EDO H . 16.11 8.68 2.14
O2 EDO H . 17.10 7.69 1.85
ZN ZN I . -3.15 -2.34 -2.92
#